data_9EDV
#
_entry.id   9EDV
#
_cell.length_a   91.990
_cell.length_b   91.990
_cell.length_c   117.960
_cell.angle_alpha   90.000
_cell.angle_beta   90.000
_cell.angle_gamma   120.000
#
_symmetry.space_group_name_H-M   'H 3'
#
loop_
_entity.id
_entity.type
_entity.pdbx_description
1 polymer 'non-specific serine/threonine protein kinase'
2 non-polymer 2-(4-fluorophenyl)-3-(pyridin-4-yl)imidazo[1,2-a]pyridine-7-carbonitrile
3 non-polymer 'CHLORIDE ION'
#
_entity_poly.entity_id   1
_entity_poly.type   'polypeptide(L)'
_entity_poly.pdbx_seq_one_letter_code
;SSVVGLHYKIGKKIGEGSFGVIFEGTNIINGVPVAIKFEPRKTEAPQLRDEYRTYKHLQGCDGIPNAYYFGQEGLHNILV
IDLLGPSLEDLFDWCGRRFSVKTVVQVAIQMLTLVEEVHRHDLIYRDIKPDNFLIGRRGATDENNVHLIDFGMAKQYRDP
RTKQHIPYREKKSLSGTARYMSINTHLGREQSRRDDLEALGHVFFYFLRGQLPWQGLKAPTNKQKYEKIGDKKRTTPAVT
LCDGLPQQFAEYLDSVRSLPFDAEPPYEEYRMLLLSVLDDLGQACDGDMDWMHLNGGRGWDATINKKPN
;
_entity_poly.pdbx_strand_id   A
#
loop_
_chem_comp.id
_chem_comp.type
_chem_comp.name
_chem_comp.formula
A1BIQ non-polymer 2-(4-fluorophenyl)-3-(pyridin-4-yl)imidazo[1,2-a]pyridine-7-carbonitrile 'C19 H11 F N4'
CL non-polymer 'CHLORIDE ION' 'Cl -1'
#
# COMPACT_ATOMS: atom_id res chain seq x y z
N SER A 1 32.57 5.98 -11.43
CA SER A 1 32.21 5.78 -10.03
C SER A 1 30.77 5.31 -9.91
N SER A 2 30.58 3.99 -9.82
CA SER A 2 29.23 3.43 -9.78
C SER A 2 28.59 3.55 -8.41
N VAL A 3 29.39 3.54 -7.34
CA VAL A 3 28.83 3.63 -6.00
C VAL A 3 28.23 5.02 -5.78
N VAL A 4 27.07 5.06 -5.13
CA VAL A 4 26.38 6.31 -4.84
C VAL A 4 26.17 6.41 -3.34
N GLY A 5 25.91 7.62 -2.88
CA GLY A 5 25.64 7.84 -1.46
C GLY A 5 26.80 7.57 -0.54
N LEU A 6 28.03 7.61 -1.06
CA LEU A 6 29.26 7.38 -0.30
C LEU A 6 29.40 5.93 0.16
N HIS A 7 28.29 5.29 0.55
CA HIS A 7 28.34 3.98 1.20
C HIS A 7 27.37 2.97 0.58
N TYR A 8 26.97 3.14 -0.68
CA TYR A 8 25.95 2.26 -1.26
C TYR A 8 26.30 1.95 -2.71
N LYS A 9 26.64 0.70 -2.97
CA LYS A 9 27.03 0.24 -4.30
C LYS A 9 25.80 -0.22 -5.09
N ILE A 10 25.71 0.23 -6.34
CA ILE A 10 24.59 -0.15 -7.19
C ILE A 10 24.65 -1.63 -7.50
N GLY A 11 23.53 -2.31 -7.34
CA GLY A 11 23.43 -3.73 -7.66
C GLY A 11 22.51 -3.98 -8.84
N LYS A 12 21.43 -4.72 -8.59
CA LYS A 12 20.51 -5.09 -9.65
C LYS A 12 19.47 -4.00 -9.87
N LYS A 13 19.01 -3.87 -11.11
CA LYS A 13 17.93 -2.96 -11.45
C LYS A 13 16.62 -3.71 -11.28
N ILE A 14 15.74 -3.18 -10.44
CA ILE A 14 14.42 -3.74 -10.23
C ILE A 14 13.33 -2.72 -10.47
N GLY A 15 13.69 -1.48 -10.84
CA GLY A 15 12.80 -0.34 -11.02
C GLY A 15 11.42 -0.62 -11.57
N GLU A 16 10.42 -0.18 -10.82
CA GLU A 16 9.04 -0.22 -11.26
C GLU A 16 8.37 1.14 -11.03
N GLY A 17 7.52 1.22 -10.01
CA GLY A 17 6.87 2.47 -9.68
C GLY A 17 6.08 3.03 -10.85
N SER A 18 6.05 4.35 -10.97
CA SER A 18 5.51 5.01 -12.15
C SER A 18 6.65 5.42 -13.08
N PHE A 19 7.37 4.39 -13.53
CA PHE A 19 8.65 4.51 -14.24
C PHE A 19 9.74 5.14 -13.38
N GLY A 20 9.50 5.29 -12.07
CA GLY A 20 10.54 5.70 -11.16
C GLY A 20 11.64 4.67 -11.11
N VAL A 21 12.89 5.12 -11.20
CA VAL A 21 14.01 4.20 -11.34
C VAL A 21 14.38 3.65 -9.96
N ILE A 22 14.20 2.36 -9.76
CA ILE A 22 14.48 1.68 -8.50
C ILE A 22 15.58 0.66 -8.74
N PHE A 23 16.52 0.58 -7.81
CA PHE A 23 17.68 -0.29 -7.96
C PHE A 23 17.97 -1.04 -6.66
N GLU A 24 18.57 -2.22 -6.81
CA GLU A 24 19.13 -2.92 -5.67
C GLU A 24 20.49 -2.35 -5.35
N GLY A 25 20.81 -2.27 -4.06
CA GLY A 25 22.09 -1.79 -3.60
C GLY A 25 22.56 -2.57 -2.40
N THR A 26 23.78 -2.26 -1.95
CA THR A 26 24.35 -2.88 -0.77
C THR A 26 25.29 -1.89 -0.10
N ASN A 27 25.28 -1.90 1.23
CA ASN A 27 26.13 -1.00 2.01
C ASN A 27 27.51 -1.62 2.17
N ILE A 28 28.52 -1.01 1.55
CA ILE A 28 29.87 -1.58 1.56
C ILE A 28 30.53 -1.52 2.93
N ILE A 29 29.95 -0.82 3.89
CA ILE A 29 30.49 -0.86 5.24
C ILE A 29 30.06 -2.13 5.96
N ASN A 30 28.83 -2.62 5.71
CA ASN A 30 28.36 -3.81 6.40
C ASN A 30 27.64 -4.83 5.53
N GLY A 31 27.56 -4.62 4.21
CA GLY A 31 27.00 -5.61 3.33
C GLY A 31 25.49 -5.73 3.33
N VAL A 32 24.79 -4.89 4.08
CA VAL A 32 23.32 -4.97 4.15
C VAL A 32 22.73 -4.47 2.83
N PRO A 33 21.80 -5.20 2.23
CA PRO A 33 21.20 -4.73 0.97
C PRO A 33 20.26 -3.54 1.21
N VAL A 34 20.11 -2.72 0.17
CA VAL A 34 19.26 -1.54 0.22
C VAL A 34 18.50 -1.42 -1.10
N ALA A 35 17.50 -0.54 -1.11
CA ALA A 35 16.70 -0.24 -2.29
C ALA A 35 16.96 1.20 -2.68
N ILE A 36 17.64 1.40 -3.81
CA ILE A 36 18.05 2.72 -4.28
C ILE A 36 17.04 3.22 -5.30
N LYS A 37 16.57 4.44 -5.12
CA LYS A 37 15.59 5.05 -6.01
C LYS A 37 16.22 6.26 -6.70
N PHE A 38 16.16 6.28 -8.03
CA PHE A 38 16.69 7.38 -8.82
C PHE A 38 15.56 8.32 -9.23
N GLU A 39 15.95 9.52 -9.65
CA GLU A 39 15.02 10.53 -10.12
C GLU A 39 15.78 11.68 -10.79
N PRO A 40 15.37 12.10 -11.98
CA PRO A 40 16.04 13.24 -12.62
C PRO A 40 15.80 14.53 -11.85
N ARG A 41 16.86 15.34 -11.74
CA ARG A 41 16.72 16.62 -11.06
C ARG A 41 15.90 17.60 -11.89
N LYS A 42 16.32 17.83 -13.13
CA LYS A 42 15.58 18.69 -14.06
C LYS A 42 14.45 17.87 -14.69
N THR A 43 13.43 17.60 -13.89
CA THR A 43 12.26 16.86 -14.30
C THR A 43 11.03 17.76 -14.17
N GLU A 44 9.91 17.26 -14.69
CA GLU A 44 8.65 17.97 -14.61
C GLU A 44 7.83 17.59 -13.38
N ALA A 45 8.33 16.68 -12.54
CA ALA A 45 7.62 16.24 -11.34
C ALA A 45 8.62 15.89 -10.26
N PRO A 46 9.08 16.90 -9.49
CA PRO A 46 9.95 16.62 -8.34
C PRO A 46 9.15 16.07 -7.17
N GLN A 47 9.62 14.96 -6.61
CA GLN A 47 8.89 14.30 -5.52
C GLN A 47 9.82 13.60 -4.54
N LEU A 48 10.98 13.14 -5.03
CA LEU A 48 11.86 12.32 -4.20
C LEU A 48 12.41 13.08 -3.01
N ARG A 49 12.44 14.42 -3.09
CA ARG A 49 12.88 15.23 -1.96
C ARG A 49 11.94 15.05 -0.76
N ASP A 50 10.64 15.18 -0.99
CA ASP A 50 9.67 15.11 0.10
C ASP A 50 9.42 13.69 0.57
N GLU A 51 9.61 12.69 -0.30
CA GLU A 51 9.49 11.31 0.14
C GLU A 51 10.58 10.94 1.12
N TYR A 52 11.78 11.51 0.95
CA TYR A 52 12.86 11.32 1.91
C TYR A 52 12.47 11.85 3.28
N ARG A 53 11.82 13.02 3.33
CA ARG A 53 11.38 13.58 4.59
C ARG A 53 10.23 12.77 5.18
N THR A 54 9.46 12.08 4.33
CA THR A 54 8.34 11.30 4.83
C THR A 54 8.80 10.08 5.62
N TYR A 55 9.82 9.38 5.12
CA TYR A 55 10.34 8.22 5.84
C TYR A 55 10.96 8.63 7.16
N LYS A 56 11.65 9.78 7.19
CA LYS A 56 12.21 10.29 8.43
C LYS A 56 11.12 10.60 9.45
N HIS A 57 9.99 11.14 8.99
CA HIS A 57 8.88 11.44 9.90
C HIS A 57 8.32 10.17 10.52
N LEU A 58 8.20 9.10 9.73
CA LEU A 58 7.71 7.82 10.20
C LEU A 58 8.85 6.90 10.64
N GLN A 59 10.05 7.44 10.86
CA GLN A 59 11.18 6.62 11.26
C GLN A 59 10.91 5.92 12.59
N GLY A 60 11.37 4.66 12.69
CA GLY A 60 11.24 3.89 13.90
C GLY A 60 9.96 3.09 14.01
N CYS A 61 8.96 3.36 13.18
CA CYS A 61 7.71 2.63 13.23
C CYS A 61 7.84 1.30 12.50
N ASP A 62 7.13 0.29 13.01
CA ASP A 62 7.16 -1.03 12.39
C ASP A 62 6.49 -1.00 11.03
N GLY A 63 7.17 -1.55 10.03
CA GLY A 63 6.65 -1.58 8.68
C GLY A 63 7.06 -0.43 7.80
N ILE A 64 7.88 0.49 8.29
CA ILE A 64 8.37 1.62 7.51
C ILE A 64 9.88 1.48 7.38
N PRO A 65 10.42 1.40 6.17
CA PRO A 65 11.87 1.28 6.02
C PRO A 65 12.60 2.54 6.48
N ASN A 66 13.80 2.33 6.99
CA ASN A 66 14.60 3.44 7.51
C ASN A 66 15.24 4.22 6.37
N ALA A 67 15.12 5.55 6.42
CA ALA A 67 15.77 6.41 5.46
C ALA A 67 17.24 6.56 5.82
N TYR A 68 18.11 6.24 4.87
CA TYR A 68 19.56 6.24 5.13
C TYR A 68 20.30 7.38 4.44
N TYR A 69 19.87 7.80 3.26
CA TYR A 69 20.63 8.80 2.52
C TYR A 69 19.77 9.44 1.44
N PHE A 70 19.95 10.75 1.27
CA PHE A 70 19.39 11.51 0.16
C PHE A 70 20.48 12.44 -0.34
N GLY A 71 20.89 12.27 -1.59
CA GLY A 71 21.99 13.05 -2.11
C GLY A 71 21.77 13.59 -3.51
N GLN A 72 22.83 14.20 -4.07
CA GLN A 72 22.77 14.89 -5.34
C GLN A 72 23.94 14.40 -6.21
N GLU A 73 23.87 13.13 -6.61
CA GLU A 73 24.93 12.52 -7.41
C GLU A 73 24.63 12.70 -8.89
N GLY A 74 25.55 13.35 -9.60
CA GLY A 74 25.37 13.57 -11.02
C GLY A 74 24.15 14.42 -11.29
N LEU A 75 23.32 13.97 -12.22
CA LEU A 75 22.06 14.62 -12.55
C LEU A 75 20.87 13.77 -12.11
N HIS A 76 20.97 13.17 -10.93
CA HIS A 76 19.91 12.32 -10.42
C HIS A 76 19.73 12.54 -8.93
N ASN A 77 18.47 12.51 -8.49
CA ASN A 77 18.15 12.51 -7.06
C ASN A 77 18.09 11.06 -6.58
N ILE A 78 18.76 10.79 -5.46
CA ILE A 78 18.98 9.44 -4.98
C ILE A 78 18.45 9.32 -3.56
N LEU A 79 17.63 8.30 -3.31
CA LEU A 79 17.11 7.99 -1.98
C LEU A 79 17.40 6.53 -1.66
N VAL A 80 18.04 6.30 -0.51
CA VAL A 80 18.41 4.97 -0.07
C VAL A 80 17.58 4.62 1.16
N ILE A 81 16.80 3.54 1.05
CA ILE A 81 16.10 2.98 2.21
C ILE A 81 16.33 1.47 2.24
N ASP A 82 15.57 0.77 3.09
CA ASP A 82 15.73 -0.66 3.22
C ASP A 82 15.12 -1.38 2.02
N LEU A 83 15.88 -2.31 1.45
CA LEU A 83 15.33 -3.26 0.49
C LEU A 83 14.38 -4.22 1.21
N LEU A 84 13.33 -4.62 0.51
CA LEU A 84 12.31 -5.49 1.10
C LEU A 84 11.93 -6.56 0.09
N GLY A 85 11.09 -7.50 0.54
CA GLY A 85 10.66 -8.61 -0.28
C GLY A 85 9.58 -8.20 -1.26
N PRO A 86 8.95 -9.21 -1.89
CA PRO A 86 7.95 -8.92 -2.91
C PRO A 86 6.73 -8.21 -2.34
N SER A 87 5.93 -7.66 -3.25
CA SER A 87 4.70 -6.99 -2.87
C SER A 87 3.58 -8.02 -2.68
N LEU A 88 2.50 -7.57 -2.02
CA LEU A 88 1.32 -8.41 -1.90
C LEU A 88 0.74 -8.74 -3.26
N GLU A 89 0.92 -7.84 -4.25
CA GLU A 89 0.49 -8.14 -5.61
C GLU A 89 1.37 -9.23 -6.24
N ASP A 90 2.67 -9.22 -5.93
CA ASP A 90 3.56 -10.28 -6.41
C ASP A 90 3.14 -11.63 -5.87
N LEU A 91 2.96 -11.72 -4.55
CA LEU A 91 2.51 -12.97 -3.93
C LEU A 91 1.10 -13.33 -4.37
N PHE A 92 0.29 -12.32 -4.68
CA PHE A 92 -1.08 -12.56 -5.14
C PHE A 92 -1.08 -13.40 -6.41
N ASP A 93 -0.36 -12.96 -7.44
CA ASP A 93 -0.28 -13.71 -8.68
C ASP A 93 0.29 -15.11 -8.44
N TRP A 94 1.32 -15.22 -7.60
CA TRP A 94 1.98 -16.51 -7.41
C TRP A 94 1.08 -17.49 -6.67
N CYS A 95 0.19 -17.00 -5.82
CA CYS A 95 -0.78 -17.85 -5.13
C CYS A 95 -2.01 -18.16 -5.97
N GLY A 96 -1.92 -17.99 -7.29
CA GLY A 96 -3.06 -18.23 -8.16
C GLY A 96 -4.02 -17.07 -8.29
N ARG A 97 -3.56 -15.86 -7.99
CA ARG A 97 -4.40 -14.65 -8.03
C ARG A 97 -5.65 -14.80 -7.16
N ARG A 98 -5.50 -15.51 -6.05
CA ARG A 98 -6.54 -15.65 -5.03
C ARG A 98 -5.88 -15.93 -3.70
N PHE A 99 -6.41 -15.32 -2.64
CA PHE A 99 -5.92 -15.52 -1.28
C PHE A 99 -6.99 -16.19 -0.43
N SER A 100 -6.56 -17.08 0.45
CA SER A 100 -7.48 -17.71 1.38
C SER A 100 -8.03 -16.68 2.36
N VAL A 101 -9.09 -17.08 3.06
CA VAL A 101 -9.73 -16.16 4.01
C VAL A 101 -8.81 -15.88 5.18
N LYS A 102 -8.02 -16.86 5.61
CA LYS A 102 -7.12 -16.64 6.74
C LYS A 102 -6.06 -15.60 6.42
N THR A 103 -5.45 -15.69 5.24
CA THR A 103 -4.38 -14.78 4.88
C THR A 103 -4.87 -13.33 4.78
N VAL A 104 -6.00 -13.12 4.09
CA VAL A 104 -6.50 -11.77 3.85
C VAL A 104 -6.85 -11.08 5.17
N VAL A 105 -7.32 -11.85 6.14
CA VAL A 105 -7.58 -11.35 7.49
C VAL A 105 -6.35 -10.84 8.22
N GLN A 106 -5.35 -11.73 8.38
CA GLN A 106 -4.12 -11.37 9.09
C GLN A 106 -3.42 -10.27 8.32
N VAL A 107 -3.53 -10.27 7.00
CA VAL A 107 -2.98 -9.17 6.20
C VAL A 107 -3.72 -7.87 6.51
N ALA A 108 -5.05 -7.93 6.61
CA ALA A 108 -5.84 -6.71 6.79
C ALA A 108 -5.54 -6.04 8.11
N ILE A 109 -5.31 -6.81 9.18
CA ILE A 109 -5.00 -6.19 10.45
C ILE A 109 -3.63 -5.50 10.41
N GLN A 110 -2.68 -6.05 9.65
CA GLN A 110 -1.37 -5.41 9.55
C GLN A 110 -1.45 -4.13 8.72
N MET A 111 -2.17 -4.18 7.59
CA MET A 111 -2.35 -2.98 6.79
C MET A 111 -3.07 -1.90 7.57
N LEU A 112 -4.14 -2.26 8.29
CA LEU A 112 -4.85 -1.29 9.11
C LEU A 112 -3.97 -0.69 10.19
N THR A 113 -3.05 -1.48 10.76
CA THR A 113 -2.13 -0.94 11.75
C THR A 113 -1.12 0.00 11.11
N LEU A 114 -0.61 -0.35 9.93
CA LEU A 114 0.30 0.53 9.22
C LEU A 114 -0.38 1.86 8.88
N VAL A 115 -1.58 1.79 8.31
CA VAL A 115 -2.30 3.00 7.93
C VAL A 115 -2.68 3.81 9.17
N GLU A 116 -2.94 3.13 10.29
CA GLU A 116 -3.19 3.85 11.53
C GLU A 116 -1.96 4.62 11.98
N GLU A 117 -0.79 4.01 11.86
CA GLU A 117 0.44 4.68 12.27
C GLU A 117 0.80 5.82 11.33
N VAL A 118 0.38 5.74 10.07
CA VAL A 118 0.59 6.84 9.14
C VAL A 118 -0.28 8.03 9.53
N HIS A 119 -1.58 7.78 9.75
CA HIS A 119 -2.48 8.85 10.18
C HIS A 119 -2.09 9.39 11.55
N ARG A 120 -1.46 8.56 12.37
CA ARG A 120 -0.98 9.03 13.67
C ARG A 120 0.09 10.11 13.53
N HIS A 121 0.80 10.14 12.39
CA HIS A 121 1.82 11.14 12.13
C HIS A 121 1.31 12.28 11.26
N ASP A 122 -0.02 12.46 11.19
CA ASP A 122 -0.65 13.57 10.48
C ASP A 122 -0.50 13.47 8.97
N LEU A 123 -0.43 12.25 8.43
CA LEU A 123 -0.30 12.04 6.99
C LEU A 123 -1.34 11.04 6.51
N ILE A 124 -1.84 11.26 5.30
CA ILE A 124 -2.67 10.28 4.60
C ILE A 124 -1.86 9.73 3.43
N TYR A 125 -2.19 8.51 3.03
CA TYR A 125 -1.37 7.82 2.02
C TYR A 125 -1.83 8.13 0.60
N ARG A 126 -3.12 8.01 0.33
CA ARG A 126 -3.78 8.33 -0.95
C ARG A 126 -3.36 7.43 -2.11
N ASP A 127 -2.47 6.46 -1.89
CA ASP A 127 -1.99 5.59 -2.96
C ASP A 127 -2.09 4.13 -2.57
N ILE A 128 -3.22 3.75 -1.95
CA ILE A 128 -3.39 2.40 -1.44
C ILE A 128 -3.48 1.42 -2.61
N LYS A 129 -2.53 0.47 -2.66
CA LYS A 129 -2.53 -0.59 -3.66
C LYS A 129 -1.62 -1.74 -3.18
N PRO A 130 -1.92 -2.99 -3.54
CA PRO A 130 -1.09 -4.11 -3.09
C PRO A 130 0.31 -4.13 -3.68
N ASP A 131 0.62 -3.25 -4.64
CA ASP A 131 1.98 -3.14 -5.14
C ASP A 131 2.89 -2.36 -4.19
N ASN A 132 2.32 -1.62 -3.24
CA ASN A 132 3.09 -0.81 -2.31
C ASN A 132 3.21 -1.43 -0.92
N PHE A 133 2.60 -2.58 -0.68
CA PHE A 133 2.76 -3.30 0.58
C PHE A 133 3.69 -4.49 0.35
N LEU A 134 4.85 -4.45 0.99
CA LEU A 134 5.86 -5.49 0.81
C LEU A 134 6.04 -6.30 2.08
N ILE A 135 6.42 -7.56 1.92
CA ILE A 135 6.89 -8.37 3.03
C ILE A 135 8.39 -8.14 3.18
N GLY A 136 8.96 -8.61 4.28
CA GLY A 136 10.40 -8.55 4.45
C GLY A 136 11.11 -9.51 3.53
N ARG A 137 12.39 -9.68 3.82
CA ARG A 137 13.23 -10.58 3.05
C ARG A 137 13.53 -11.86 3.81
N ARG A 138 13.97 -12.86 3.07
CA ARG A 138 14.18 -14.19 3.61
C ARG A 138 15.20 -14.15 4.76
N GLY A 139 14.93 -14.91 5.81
CA GLY A 139 15.81 -15.00 6.95
C GLY A 139 15.67 -13.89 7.97
N ALA A 140 15.11 -12.74 7.60
CA ALA A 140 14.97 -11.63 8.53
C ALA A 140 13.83 -11.90 9.50
N THR A 141 13.87 -11.19 10.64
CA THR A 141 12.85 -11.35 11.65
C THR A 141 11.48 -10.84 11.20
N ASP A 142 11.44 -10.04 10.14
CA ASP A 142 10.21 -9.48 9.60
C ASP A 142 10.00 -9.95 8.17
N GLU A 143 10.37 -11.20 7.88
CA GLU A 143 10.28 -11.73 6.52
C GLU A 143 8.85 -11.70 6.01
N ASN A 144 7.88 -12.05 6.85
CA ASN A 144 6.48 -12.08 6.47
C ASN A 144 5.69 -10.91 7.04
N ASN A 145 6.31 -10.02 7.82
CA ASN A 145 5.64 -8.80 8.22
C ASN A 145 5.40 -7.92 7.00
N VAL A 146 4.20 -7.34 6.91
CA VAL A 146 3.83 -6.49 5.79
C VAL A 146 4.31 -5.07 6.08
N HIS A 147 5.07 -4.51 5.14
CA HIS A 147 5.60 -3.15 5.26
C HIS A 147 4.91 -2.23 4.25
N LEU A 148 5.01 -0.93 4.51
CA LEU A 148 4.47 0.09 3.63
C LEU A 148 5.59 0.97 3.10
N ILE A 149 5.54 1.28 1.81
CA ILE A 149 6.56 2.06 1.11
C ILE A 149 5.87 3.02 0.15
N ASP A 150 6.69 3.78 -0.59
CA ASP A 150 6.22 4.70 -1.62
C ASP A 150 5.26 5.74 -1.08
N PHE A 151 5.79 6.88 -0.62
CA PHE A 151 4.99 7.96 -0.09
C PHE A 151 5.00 9.18 -1.00
N GLY A 152 5.19 8.97 -2.31
CA GLY A 152 5.14 10.05 -3.27
C GLY A 152 3.76 10.66 -3.44
N MET A 153 2.72 10.05 -2.85
CA MET A 153 1.37 10.58 -2.88
C MET A 153 0.88 10.93 -1.48
N ALA A 154 1.80 11.04 -0.51
CA ALA A 154 1.42 11.30 0.88
C ALA A 154 1.18 12.80 1.09
N LYS A 155 0.00 13.13 1.60
CA LYS A 155 -0.41 14.51 1.83
C LYS A 155 -0.79 14.69 3.30
N GLN A 156 -0.40 15.83 3.86
CA GLN A 156 -0.76 16.16 5.23
C GLN A 156 -2.24 16.52 5.31
N TYR A 157 -2.93 15.98 6.32
CA TYR A 157 -4.34 16.25 6.52
C TYR A 157 -4.63 17.04 7.79
N ARG A 158 -3.69 17.12 8.72
CA ARG A 158 -3.85 17.92 9.92
C ARG A 158 -2.49 18.46 10.32
N ASP A 159 -2.48 19.67 10.88
CA ASP A 159 -1.23 20.26 11.30
C ASP A 159 -0.74 19.58 12.58
N PRO A 160 0.58 19.47 12.75
CA PRO A 160 1.10 18.73 13.90
C PRO A 160 0.95 19.46 15.23
N ARG A 161 0.72 20.77 15.24
CA ARG A 161 0.71 21.53 16.48
C ARG A 161 -0.66 22.00 16.93
N THR A 162 -1.65 22.08 16.04
CA THR A 162 -3.02 22.32 16.45
C THR A 162 -3.95 21.17 16.08
N LYS A 163 -3.40 20.12 15.43
CA LYS A 163 -4.12 18.88 15.11
C LYS A 163 -5.47 19.14 14.43
N GLN A 164 -5.57 20.23 13.68
CA GLN A 164 -6.81 20.59 12.99
C GLN A 164 -6.80 20.06 11.57
N HIS A 165 -7.87 19.36 11.21
CA HIS A 165 -8.01 18.80 9.87
C HIS A 165 -8.16 19.92 8.84
N ILE A 166 -7.53 19.73 7.68
CA ILE A 166 -7.68 20.65 6.55
C ILE A 166 -9.15 20.81 6.21
N PRO A 167 -9.58 21.92 5.62
CA PRO A 167 -10.99 22.07 5.28
C PRO A 167 -11.37 21.24 4.07
N TYR A 168 -12.63 20.80 4.06
CA TYR A 168 -13.16 20.05 2.92
C TYR A 168 -13.18 20.93 1.67
N ARG A 169 -12.98 20.31 0.51
CA ARG A 169 -12.97 21.04 -0.76
C ARG A 169 -13.43 20.09 -1.86
N GLU A 170 -13.26 20.53 -3.11
CA GLU A 170 -13.65 19.75 -4.28
C GLU A 170 -12.88 20.31 -5.49
N LYS A 171 -13.16 19.74 -6.68
CA LYS A 171 -12.41 19.98 -7.91
C LYS A 171 -10.96 19.58 -7.78
N LYS A 172 -10.68 18.27 -7.65
CA LYS A 172 -9.33 17.74 -7.72
C LYS A 172 -9.32 16.64 -8.77
N SER A 173 -8.39 16.74 -9.71
CA SER A 173 -8.32 15.76 -10.79
C SER A 173 -8.04 14.37 -10.23
N LEU A 174 -8.60 13.36 -10.90
CA LEU A 174 -8.51 11.98 -10.44
C LEU A 174 -7.13 11.45 -10.76
N SER A 175 -6.27 11.37 -9.75
CA SER A 175 -4.90 10.90 -9.88
C SER A 175 -4.70 9.66 -9.03
N GLY A 176 -4.18 8.60 -9.64
CA GLY A 176 -3.91 7.34 -8.98
C GLY A 176 -4.47 6.18 -9.77
N THR A 177 -4.50 5.01 -9.13
CA THR A 177 -5.05 3.81 -9.73
C THR A 177 -6.54 3.74 -9.42
N ALA A 178 -7.36 3.86 -10.47
CA ALA A 178 -8.81 3.94 -10.29
C ALA A 178 -9.43 2.65 -9.80
N ARG A 179 -8.69 1.54 -9.80
CA ARG A 179 -9.29 0.27 -9.42
C ARG A 179 -9.55 0.19 -7.92
N TYR A 180 -8.78 0.91 -7.11
CA TYR A 180 -8.90 0.83 -5.66
C TYR A 180 -9.24 2.14 -4.97
N MET A 181 -9.19 3.27 -5.68
CA MET A 181 -9.46 4.55 -5.04
C MET A 181 -10.91 4.61 -4.56
N SER A 182 -11.15 5.46 -3.55
CA SER A 182 -12.44 5.53 -2.90
C SER A 182 -13.47 6.20 -3.83
N ILE A 183 -14.74 6.07 -3.43
CA ILE A 183 -15.82 6.72 -4.17
C ILE A 183 -15.68 8.24 -4.08
N ASN A 184 -15.29 8.75 -2.92
CA ASN A 184 -15.08 10.18 -2.78
C ASN A 184 -13.94 10.68 -3.64
N THR A 185 -12.95 9.82 -3.91
CA THR A 185 -11.86 10.20 -4.80
C THR A 185 -12.35 10.33 -6.23
N HIS A 186 -13.23 9.43 -6.67
CA HIS A 186 -13.82 9.55 -8.00
C HIS A 186 -14.68 10.81 -8.12
N LEU A 187 -15.33 11.22 -7.03
CA LEU A 187 -16.18 12.40 -7.05
C LEU A 187 -15.41 13.70 -6.89
N GLY A 188 -14.08 13.64 -6.85
CA GLY A 188 -13.28 14.85 -6.75
C GLY A 188 -13.16 15.44 -5.37
N ARG A 189 -13.59 14.72 -4.33
CA ARG A 189 -13.53 15.23 -2.98
C ARG A 189 -12.10 15.18 -2.43
N GLU A 190 -11.80 16.10 -1.53
CA GLU A 190 -10.51 16.09 -0.85
C GLU A 190 -10.41 14.86 0.05
N GLN A 191 -9.38 14.04 -0.17
CA GLN A 191 -9.26 12.80 0.56
C GLN A 191 -8.86 13.06 2.02
N SER A 192 -9.16 12.08 2.87
CA SER A 192 -8.84 12.18 4.29
C SER A 192 -8.54 10.77 4.80
N ARG A 193 -8.72 10.57 6.10
CA ARG A 193 -8.42 9.27 6.70
C ARG A 193 -9.38 8.18 6.22
N ARG A 194 -10.65 8.55 5.97
CA ARG A 194 -11.65 7.56 5.56
C ARG A 194 -11.40 7.02 4.16
N ASP A 195 -10.70 7.78 3.30
CA ASP A 195 -10.44 7.29 1.95
C ASP A 195 -9.28 6.30 1.91
N ASP A 196 -8.35 6.38 2.86
CA ASP A 196 -7.32 5.37 2.96
C ASP A 196 -7.87 4.06 3.52
N LEU A 197 -9.04 4.09 4.14
CA LEU A 197 -9.66 2.89 4.68
C LEU A 197 -10.65 2.24 3.70
N GLU A 198 -11.36 3.03 2.90
CA GLU A 198 -12.22 2.45 1.87
C GLU A 198 -11.38 1.75 0.81
N ALA A 199 -10.28 2.37 0.40
CA ALA A 199 -9.36 1.72 -0.53
C ALA A 199 -8.82 0.42 0.04
N LEU A 200 -8.59 0.38 1.35
CA LEU A 200 -8.22 -0.88 1.99
C LEU A 200 -9.33 -1.92 1.85
N GLY A 201 -10.58 -1.49 1.99
CA GLY A 201 -11.69 -2.41 1.79
C GLY A 201 -11.71 -2.98 0.39
N HIS A 202 -11.48 -2.13 -0.62
CA HIS A 202 -11.44 -2.62 -2.00
C HIS A 202 -10.36 -3.68 -2.17
N VAL A 203 -9.21 -3.49 -1.54
CA VAL A 203 -8.12 -4.46 -1.65
C VAL A 203 -8.50 -5.77 -0.99
N PHE A 204 -9.26 -5.72 0.10
CA PHE A 204 -9.67 -6.94 0.79
C PHE A 204 -10.58 -7.78 -0.10
N PHE A 205 -11.62 -7.17 -0.68
CA PHE A 205 -12.47 -7.89 -1.61
C PHE A 205 -11.70 -8.30 -2.86
N TYR A 206 -10.72 -7.49 -3.27
CA TYR A 206 -9.88 -7.85 -4.42
C TYR A 206 -9.10 -9.13 -4.15
N PHE A 207 -8.50 -9.24 -2.96
CA PHE A 207 -7.79 -10.46 -2.60
C PHE A 207 -8.75 -11.64 -2.45
N LEU A 208 -9.98 -11.38 -2.01
CA LEU A 208 -10.92 -12.46 -1.73
C LEU A 208 -11.52 -13.03 -3.00
N ARG A 209 -11.95 -12.18 -3.91
CA ARG A 209 -12.62 -12.62 -5.13
C ARG A 209 -11.66 -12.84 -6.29
N GLY A 210 -10.39 -12.47 -6.14
CA GLY A 210 -9.46 -12.50 -7.24
C GLY A 210 -9.64 -11.40 -8.26
N GLN A 211 -10.76 -10.68 -8.22
CA GLN A 211 -11.03 -9.57 -9.12
C GLN A 211 -12.08 -8.69 -8.47
N LEU A 212 -12.46 -7.63 -9.16
CA LEU A 212 -13.49 -6.71 -8.73
C LEU A 212 -14.47 -6.47 -9.87
N PRO A 213 -15.74 -6.18 -9.56
CA PRO A 213 -16.73 -6.00 -10.63
C PRO A 213 -16.44 -4.79 -11.51
N TRP A 214 -15.74 -3.78 -11.00
CA TRP A 214 -15.38 -2.61 -11.79
C TRP A 214 -14.02 -2.75 -12.46
N GLN A 215 -13.68 -3.96 -12.89
CA GLN A 215 -12.39 -4.25 -13.49
C GLN A 215 -12.58 -4.60 -14.97
N GLY A 216 -11.60 -4.20 -15.79
CA GLY A 216 -11.68 -4.45 -17.21
C GLY A 216 -12.83 -3.76 -17.92
N LEU A 217 -13.26 -2.60 -17.39
CA LEU A 217 -14.34 -1.85 -18.01
C LEU A 217 -13.80 -1.08 -19.21
N LYS A 218 -14.61 -1.02 -20.26
CA LYS A 218 -14.22 -0.38 -21.51
C LYS A 218 -14.84 1.01 -21.61
N ALA A 219 -14.02 1.96 -22.06
CA ALA A 219 -14.44 3.35 -22.25
C ALA A 219 -13.51 3.98 -23.26
N PRO A 220 -13.96 5.05 -23.95
CA PRO A 220 -13.10 5.67 -24.97
C PRO A 220 -11.76 6.14 -24.44
N THR A 221 -11.78 7.09 -23.49
CA THR A 221 -10.59 7.61 -22.86
C THR A 221 -10.58 7.17 -21.38
N ASN A 222 -9.81 7.89 -20.55
CA ASN A 222 -9.65 7.49 -19.16
C ASN A 222 -10.60 8.21 -18.21
N LYS A 223 -10.96 9.47 -18.49
CA LYS A 223 -11.93 10.17 -17.67
C LYS A 223 -13.23 9.37 -17.57
N GLN A 224 -13.82 9.04 -18.72
CA GLN A 224 -15.00 8.19 -18.74
C GLN A 224 -14.69 6.82 -18.15
N LYS A 225 -13.48 6.32 -18.36
CA LYS A 225 -13.04 5.09 -17.69
C LYS A 225 -13.04 5.28 -16.19
N TYR A 226 -12.36 6.32 -15.69
CA TYR A 226 -12.37 6.60 -14.26
C TYR A 226 -13.80 6.83 -13.78
N GLU A 227 -14.63 7.47 -14.60
CA GLU A 227 -16.04 7.63 -14.26
C GLU A 227 -16.76 6.28 -14.25
N LYS A 228 -16.60 5.52 -15.32
CA LYS A 228 -17.31 4.24 -15.43
C LYS A 228 -16.95 3.29 -14.29
N ILE A 229 -15.75 3.42 -13.73
CA ILE A 229 -15.42 2.61 -12.56
C ILE A 229 -16.15 3.14 -11.34
N GLY A 230 -16.38 4.45 -11.27
CA GLY A 230 -17.05 5.01 -10.11
C GLY A 230 -18.52 4.62 -10.02
N ASP A 231 -19.18 4.48 -11.18
CA ASP A 231 -20.59 4.09 -11.19
C ASP A 231 -20.80 2.73 -10.56
N LYS A 232 -20.02 1.72 -11.00
CA LYS A 232 -20.16 0.38 -10.47
C LYS A 232 -19.80 0.32 -8.98
N LYS A 233 -18.89 1.18 -8.54
CA LYS A 233 -18.57 1.24 -7.11
C LYS A 233 -19.77 1.71 -6.30
N ARG A 234 -20.62 2.55 -6.88
CA ARG A 234 -21.80 3.04 -6.20
C ARG A 234 -23.06 2.25 -6.55
N THR A 235 -23.02 1.48 -7.64
CA THR A 235 -24.17 0.65 -8.00
C THR A 235 -24.25 -0.60 -7.13
N THR A 236 -23.14 -1.29 -6.95
CA THR A 236 -23.13 -2.53 -6.18
C THR A 236 -22.97 -2.21 -4.70
N PRO A 237 -23.91 -2.64 -3.83
CA PRO A 237 -23.72 -2.45 -2.39
C PRO A 237 -22.56 -3.28 -1.86
N ALA A 238 -22.26 -3.17 -0.57
CA ALA A 238 -21.18 -3.95 0.01
C ALA A 238 -21.59 -5.40 0.26
N VAL A 239 -22.88 -5.70 0.26
CA VAL A 239 -23.33 -7.06 0.50
C VAL A 239 -23.08 -7.95 -0.71
N THR A 240 -23.30 -7.41 -1.93
CA THR A 240 -23.09 -8.22 -3.13
C THR A 240 -21.61 -8.49 -3.36
N LEU A 241 -20.73 -7.61 -2.88
CA LEU A 241 -19.30 -7.92 -2.91
C LEU A 241 -18.91 -8.98 -1.89
N CYS A 242 -19.71 -9.14 -0.84
CA CYS A 242 -19.46 -10.14 0.18
C CYS A 242 -20.15 -11.48 -0.12
N ASP A 243 -20.59 -11.67 -1.36
CA ASP A 243 -21.32 -12.89 -1.73
C ASP A 243 -20.45 -14.11 -1.50
N GLY A 244 -20.93 -15.03 -0.66
CA GLY A 244 -20.16 -16.21 -0.32
C GLY A 244 -18.96 -15.94 0.56
N LEU A 245 -18.81 -14.71 1.05
CA LEU A 245 -17.68 -14.29 1.87
C LEU A 245 -18.15 -13.93 3.27
N PRO A 246 -17.24 -13.93 4.25
CA PRO A 246 -17.62 -13.52 5.61
C PRO A 246 -18.16 -12.11 5.63
N GLN A 247 -19.38 -11.96 6.16
CA GLN A 247 -20.11 -10.69 6.07
C GLN A 247 -19.40 -9.56 6.78
N GLN A 248 -18.41 -9.85 7.63
CA GLN A 248 -17.67 -8.78 8.30
C GLN A 248 -16.96 -7.86 7.31
N PHE A 249 -16.65 -8.36 6.11
CA PHE A 249 -16.07 -7.49 5.09
C PHE A 249 -17.10 -6.50 4.55
N ALA A 250 -18.34 -6.95 4.35
CA ALA A 250 -19.39 -6.02 3.95
C ALA A 250 -19.62 -4.96 5.00
N GLU A 251 -19.56 -5.34 6.28
CA GLU A 251 -19.71 -4.36 7.36
C GLU A 251 -18.54 -3.38 7.35
N TYR A 252 -17.33 -3.88 7.10
CA TYR A 252 -16.16 -3.01 7.12
C TYR A 252 -16.26 -1.91 6.05
N LEU A 253 -16.55 -2.30 4.81
CA LEU A 253 -16.61 -1.31 3.74
C LEU A 253 -17.76 -0.35 3.93
N ASP A 254 -18.91 -0.84 4.40
CA ASP A 254 -20.04 0.04 4.64
C ASP A 254 -19.77 1.03 5.78
N SER A 255 -19.06 0.58 6.81
CA SER A 255 -18.76 1.47 7.93
C SER A 255 -17.81 2.59 7.51
N VAL A 256 -16.70 2.23 6.86
CA VAL A 256 -15.73 3.23 6.43
C VAL A 256 -16.26 4.11 5.30
N ARG A 257 -17.36 3.72 4.66
CA ARG A 257 -17.97 4.56 3.64
C ARG A 257 -18.93 5.58 4.20
N SER A 258 -19.44 5.36 5.41
CA SER A 258 -20.31 6.32 6.07
C SER A 258 -19.59 7.16 7.11
N LEU A 259 -18.26 7.17 7.09
CA LEU A 259 -17.48 7.95 8.04
C LEU A 259 -17.49 9.43 7.64
N PRO A 260 -17.64 10.33 8.59
CA PRO A 260 -17.55 11.76 8.28
C PRO A 260 -16.13 12.16 7.92
N PHE A 261 -16.03 13.39 7.41
CA PHE A 261 -14.82 13.85 6.73
C PHE A 261 -13.62 13.90 7.67
N ASP A 262 -13.80 14.49 8.86
CA ASP A 262 -12.71 14.75 9.79
C ASP A 262 -12.63 13.75 10.93
N ALA A 263 -13.47 12.73 10.93
CA ALA A 263 -13.54 11.82 12.07
C ALA A 263 -12.31 10.93 12.15
N GLU A 264 -11.91 10.62 13.38
CA GLU A 264 -10.90 9.61 13.61
C GLU A 264 -11.56 8.23 13.52
N PRO A 265 -11.16 7.39 12.58
CA PRO A 265 -11.85 6.11 12.39
C PRO A 265 -11.45 5.12 13.47
N PRO A 266 -12.40 4.31 13.95
CA PRO A 266 -12.08 3.33 15.00
C PRO A 266 -11.20 2.21 14.47
N TYR A 267 -9.88 2.44 14.41
CA TYR A 267 -8.97 1.48 13.81
C TYR A 267 -9.07 0.11 14.48
N GLU A 268 -9.04 0.08 15.80
CA GLU A 268 -9.04 -1.19 16.51
C GLU A 268 -10.40 -1.87 16.51
N GLU A 269 -11.48 -1.14 16.21
CA GLU A 269 -12.78 -1.78 16.06
C GLU A 269 -12.83 -2.56 14.75
N TYR A 270 -12.27 -2.00 13.67
CA TYR A 270 -12.26 -2.70 12.39
C TYR A 270 -11.36 -3.93 12.45
N ARG A 271 -10.19 -3.79 13.07
CA ARG A 271 -9.28 -4.94 13.18
C ARG A 271 -9.90 -6.06 14.01
N MET A 272 -10.55 -5.71 15.12
CA MET A 272 -11.25 -6.72 15.90
C MET A 272 -12.43 -7.29 15.13
N LEU A 273 -13.10 -6.45 14.33
CA LEU A 273 -14.18 -6.94 13.47
C LEU A 273 -13.65 -7.98 12.48
N LEU A 274 -12.44 -7.77 11.97
CA LEU A 274 -11.83 -8.75 11.08
C LEU A 274 -11.22 -9.92 11.85
N LEU A 275 -10.89 -9.71 13.13
CA LEU A 275 -10.41 -10.83 13.94
C LEU A 275 -11.53 -11.83 14.20
N SER A 276 -12.74 -11.32 14.48
CA SER A 276 -13.88 -12.20 14.74
C SER A 276 -14.20 -13.10 13.56
N VAL A 277 -13.72 -12.76 12.36
CA VAL A 277 -13.91 -13.65 11.21
C VAL A 277 -13.24 -14.99 11.47
N LEU A 278 -12.04 -14.98 12.04
CA LEU A 278 -11.36 -16.23 12.37
C LEU A 278 -12.05 -16.97 13.50
N ASP A 279 -12.94 -16.32 14.25
CA ASP A 279 -13.72 -17.01 15.27
C ASP A 279 -14.83 -17.84 14.65
N ASP A 280 -15.52 -17.29 13.64
CA ASP A 280 -16.64 -17.97 13.02
C ASP A 280 -16.19 -19.15 12.16
N LEU A 281 -14.91 -19.22 11.80
CA LEU A 281 -14.40 -20.27 10.94
C LEU A 281 -13.52 -21.27 11.68
N GLY A 282 -13.23 -21.04 12.95
CA GLY A 282 -12.42 -21.97 13.73
C GLY A 282 -10.96 -22.00 13.33
N GLN A 283 -10.35 -20.84 13.10
CA GLN A 283 -8.96 -20.73 12.71
C GLN A 283 -8.20 -19.87 13.70
N ALA A 284 -6.91 -20.16 13.85
CA ALA A 284 -6.05 -19.45 14.78
C ALA A 284 -5.25 -18.38 14.04
N CYS A 285 -5.23 -17.17 14.60
CA CYS A 285 -4.48 -16.06 14.03
C CYS A 285 -3.00 -16.23 14.40
N ASP A 286 -2.40 -17.29 13.86
CA ASP A 286 -1.02 -17.63 14.16
C ASP A 286 -0.01 -16.93 13.26
N GLY A 287 -0.36 -16.70 11.99
CA GLY A 287 0.53 -16.05 11.06
C GLY A 287 0.60 -16.72 9.70
N ASP A 288 0.17 -17.98 9.63
CA ASP A 288 0.32 -18.79 8.43
C ASP A 288 -0.37 -18.13 7.23
N MET A 289 0.42 -17.80 6.21
CA MET A 289 -0.05 -17.14 5.01
C MET A 289 -0.06 -18.11 3.84
N ASP A 290 -0.79 -17.73 2.78
CA ASP A 290 -0.87 -18.56 1.58
C ASP A 290 0.52 -18.77 0.96
N TRP A 291 1.32 -17.70 0.89
CA TRP A 291 2.60 -17.81 0.20
C TRP A 291 3.65 -18.59 1.00
N MET A 292 3.30 -19.15 2.15
CA MET A 292 4.25 -19.99 2.88
C MET A 292 4.10 -21.44 2.46
N HIS A 293 3.65 -21.66 1.23
CA HIS A 293 3.40 -23.04 0.79
C HIS A 293 3.72 -23.29 -0.67
N LEU A 294 4.20 -22.32 -1.44
CA LEU A 294 4.56 -22.61 -2.82
C LEU A 294 5.89 -23.35 -2.87
N ASN A 295 6.15 -23.96 -4.04
CA ASN A 295 7.43 -24.57 -4.35
C ASN A 295 7.81 -25.65 -3.32
N GLY A 296 6.84 -26.51 -3.01
CA GLY A 296 7.09 -27.59 -2.07
C GLY A 296 7.34 -27.15 -0.65
N GLY A 297 7.04 -25.90 -0.31
CA GLY A 297 7.30 -25.38 1.02
C GLY A 297 8.55 -24.55 1.17
N ARG A 298 9.32 -24.37 0.08
CA ARG A 298 10.51 -23.53 0.15
C ARG A 298 10.15 -22.06 0.30
N GLY A 299 9.01 -21.65 -0.26
CA GLY A 299 8.63 -20.25 -0.25
C GLY A 299 8.25 -19.77 -1.64
N TRP A 300 8.89 -18.72 -2.12
CA TRP A 300 8.67 -18.20 -3.46
C TRP A 300 9.99 -18.17 -4.22
N ASP A 301 9.92 -18.51 -5.51
CA ASP A 301 11.09 -18.53 -6.39
C ASP A 301 11.06 -17.34 -7.33
N ALA A 302 12.19 -17.10 -7.99
CA ALA A 302 12.35 -15.95 -8.86
C ALA A 302 12.20 -16.28 -10.34
N THR A 303 12.79 -17.39 -10.80
CA THR A 303 12.74 -17.73 -12.22
C THR A 303 11.50 -18.52 -12.61
N ILE A 304 10.77 -19.07 -11.65
CA ILE A 304 9.56 -19.84 -11.93
C ILE A 304 8.31 -19.03 -11.67
N ASN A 305 8.25 -18.33 -10.54
CA ASN A 305 7.07 -17.53 -10.22
C ASN A 305 7.05 -16.22 -11.02
N LYS A 306 8.11 -15.43 -10.92
CA LYS A 306 8.19 -14.15 -11.62
C LYS A 306 8.97 -14.28 -12.92
C10 A1BIQ B . 10.93 -0.87 -3.04
C15 A1BIQ B . 11.02 -0.62 -1.68
C17 A1BIQ B . 8.51 -1.73 -4.85
C20 A1BIQ B . 5.66 -1.09 -7.29
C22 A1BIQ B . 7.37 0.38 -6.19
C02 A1BIQ B . 12.92 4.12 -2.41
C03 A1BIQ B . 13.39 2.90 -2.88
C04 A1BIQ B . 12.48 2.00 -3.43
C05 A1BIQ B . 11.58 4.44 -2.49
C06 A1BIQ B . 10.69 3.54 -3.05
C07 A1BIQ B . 11.14 2.32 -3.51
C08 A1BIQ B . 10.15 1.34 -4.13
C09 A1BIQ B . 10.05 -0.01 -3.94
C11 A1BIQ B . 11.67 -1.93 -3.58
C12 A1BIQ B . 12.46 -2.68 -2.72
C14 A1BIQ B . 11.84 -1.42 -0.91
C18 A1BIQ B . 7.42 -1.95 -5.69
C19 A1BIQ B . 6.85 -0.87 -6.36
C23 A1BIQ B . 8.48 0.57 -5.33
F01 A1BIQ B . 13.81 5.01 -1.86
N13 A1BIQ B . 12.53 -2.41 -1.43
N16 A1BIQ B . 9.01 -0.47 -4.69
N21 A1BIQ B . 4.77 -1.24 -7.97
N24 A1BIQ B . 9.19 1.71 -4.97
CL CL C . -8.71 -2.18 -14.14
#